data_2ZGW
#
_entry.id   2ZGW
#
_cell.length_a   38.308
_cell.length_b   82.876
_cell.length_c   72.578
_cell.angle_alpha   90.00
_cell.angle_beta   103.50
_cell.angle_gamma   90.00
#
_symmetry.space_group_name_H-M   'P 1 21 1'
#
loop_
_entity.id
_entity.type
_entity.pdbx_description
1 polymer 'biotin--[acetyl-CoA-carboxylase] ligase'
2 non-polymer ADENOSINE
3 non-polymer BIOTIN
4 water water
#
_entity_poly.entity_id   1
_entity_poly.type   'polypeptide(L)'
_entity_poly.pdbx_seq_one_letter_code
;MLGLKTSIIGRRVIYFQEITSTNEFAKTSYLEEGTVIVADKQTMGHGALNRKWESPEGGLWLSIVLSPKVPQKDLPKIVF
LGAVGVVETLKEFSIDGRIKWPNDVLVNYKAIAGVLVEGKGDKIVLGIGLNVNNKVPNGATSMKLELGSEVPLLSVFRSL
ITNLDRLYLNFLKNPMDILNLVRDNMILGVRVKILGDGSFEGIAEDIDDFGRLIIRLDSGEVKKVIYGDVSLRFL
;
_entity_poly.pdbx_strand_id   A,B
#
loop_
_chem_comp.id
_chem_comp.type
_chem_comp.name
_chem_comp.formula
ADN non-polymer ADENOSINE 'C10 H13 N5 O4'
BTN non-polymer BIOTIN 'C10 H16 N2 O3 S'
#
# COMPACT_ATOMS: atom_id res chain seq x y z
N MET A 1 -3.53 7.01 0.60
CA MET A 1 -2.85 7.80 1.66
C MET A 1 -1.35 7.96 1.41
N LEU A 2 -0.85 7.25 0.39
CA LEU A 2 0.57 7.32 0.04
C LEU A 2 0.85 8.56 -0.80
N GLY A 3 -0.17 9.05 -1.50
CA GLY A 3 -0.01 10.23 -2.31
C GLY A 3 1.01 10.15 -3.43
N LEU A 4 1.08 9.01 -4.11
CA LEU A 4 2.02 8.85 -5.21
C LEU A 4 1.52 9.73 -6.37
N LYS A 5 2.45 10.34 -7.09
CA LYS A 5 2.08 11.23 -8.20
C LYS A 5 2.57 10.74 -9.55
N THR A 6 2.87 9.44 -9.63
CA THR A 6 3.35 8.82 -10.85
C THR A 6 2.23 8.69 -11.90
N SER A 7 2.62 8.52 -13.15
CA SER A 7 1.66 8.38 -14.24
C SER A 7 1.09 6.97 -14.41
N ILE A 8 1.97 5.98 -14.39
CA ILE A 8 1.56 4.59 -14.55
C ILE A 8 2.00 3.68 -13.40
N ILE A 9 3.30 3.59 -13.19
CA ILE A 9 3.82 2.74 -12.13
C ILE A 9 3.46 3.32 -10.77
N GLY A 10 2.63 2.61 -10.03
CA GLY A 10 2.23 3.07 -8.72
C GLY A 10 0.78 3.58 -8.69
N ARG A 11 0.07 3.41 -9.82
CA ARG A 11 -1.34 3.81 -9.83
C ARG A 11 -2.10 3.11 -8.70
N ARG A 12 -1.73 1.82 -8.53
CA ARG A 12 -2.19 1.05 -7.40
C ARG A 12 -1.00 0.30 -6.80
N VAL A 13 -1.08 0.02 -5.51
CA VAL A 13 -0.02 -0.68 -4.81
C VAL A 13 -0.67 -1.67 -3.88
N ILE A 14 -0.26 -2.94 -3.98
CA ILE A 14 -0.79 -3.95 -3.08
C ILE A 14 0.36 -4.36 -2.16
N TYR A 15 0.19 -4.05 -0.89
CA TYR A 15 1.18 -4.36 0.15
C TYR A 15 0.81 -5.61 0.94
N PHE A 16 1.81 -6.43 1.24
CA PHE A 16 1.63 -7.67 2.00
C PHE A 16 2.62 -7.72 3.16
N GLN A 17 2.15 -8.15 4.34
CA GLN A 17 3.05 -8.36 5.44
C GLN A 17 3.98 -9.50 5.06
N GLU A 18 3.42 -10.49 4.38
CA GLU A 18 4.18 -11.65 3.93
C GLU A 18 3.57 -12.22 2.65
N ILE A 19 4.41 -12.76 1.79
CA ILE A 19 3.94 -13.32 0.54
C ILE A 19 4.93 -14.40 0.11
N THR A 20 4.51 -15.30 -0.78
CA THR A 20 5.41 -16.33 -1.27
C THR A 20 6.44 -15.63 -2.16
N SER A 21 5.94 -14.93 -3.18
CA SER A 21 6.79 -14.20 -4.12
C SER A 21 5.94 -13.15 -4.81
N THR A 22 6.43 -11.91 -4.83
CA THR A 22 5.68 -10.84 -5.49
C THR A 22 5.61 -11.09 -7.00
N ASN A 23 6.64 -11.71 -7.57
CA ASN A 23 6.63 -12.00 -9.00
C ASN A 23 5.56 -13.03 -9.32
N GLU A 24 5.46 -14.06 -8.49
CA GLU A 24 4.46 -15.10 -8.71
C GLU A 24 3.05 -14.54 -8.55
N PHE A 25 2.84 -13.70 -7.53
CA PHE A 25 1.52 -13.13 -7.33
C PHE A 25 1.13 -12.25 -8.52
N ALA A 26 2.09 -11.47 -9.00
CA ALA A 26 1.86 -10.56 -10.12
C ALA A 26 1.57 -11.30 -11.42
N LYS A 27 2.28 -12.40 -11.66
CA LYS A 27 2.07 -13.19 -12.87
C LYS A 27 0.70 -13.87 -12.86
N THR A 28 0.35 -14.42 -11.70
CA THR A 28 -0.89 -15.17 -11.53
C THR A 28 -2.19 -14.37 -11.45
N SER A 29 -2.15 -13.27 -10.71
CA SER A 29 -3.34 -12.46 -10.50
C SER A 29 -3.76 -11.55 -11.64
N TYR A 30 -5.03 -11.19 -11.64
CA TYR A 30 -5.58 -10.29 -12.64
C TYR A 30 -5.33 -8.89 -12.08
N LEU A 31 -4.35 -8.20 -12.66
CA LEU A 31 -3.95 -6.87 -12.21
C LEU A 31 -3.82 -5.89 -13.37
N GLU A 32 -4.04 -4.62 -13.09
CA GLU A 32 -3.95 -3.58 -14.11
C GLU A 32 -2.49 -3.12 -14.27
N GLU A 33 -2.18 -2.56 -15.43
CA GLU A 33 -0.84 -2.08 -15.68
C GLU A 33 -0.46 -1.00 -14.68
N GLY A 34 0.76 -1.06 -14.19
CA GLY A 34 1.23 -0.08 -13.23
C GLY A 34 1.07 -0.50 -11.78
N THR A 35 0.33 -1.59 -11.55
CA THR A 35 0.15 -2.06 -10.19
C THR A 35 1.45 -2.61 -9.64
N VAL A 36 1.79 -2.17 -8.43
CA VAL A 36 3.00 -2.59 -7.73
C VAL A 36 2.61 -3.55 -6.62
N ILE A 37 3.30 -4.70 -6.57
CA ILE A 37 3.08 -5.71 -5.54
C ILE A 37 4.33 -5.62 -4.66
N VAL A 38 4.15 -5.34 -3.38
CA VAL A 38 5.28 -5.21 -2.47
C VAL A 38 5.01 -5.93 -1.16
N ALA A 39 6.03 -6.54 -0.59
CA ALA A 39 5.88 -7.29 0.66
C ALA A 39 7.04 -7.08 1.62
N ASP A 40 6.74 -7.13 2.92
CA ASP A 40 7.80 -6.96 3.92
C ASP A 40 8.81 -8.10 3.80
N LYS A 41 8.32 -9.29 3.48
CA LYS A 41 9.20 -10.44 3.34
C LYS A 41 8.57 -11.45 2.39
N GLN A 42 9.42 -12.26 1.76
CA GLN A 42 8.96 -13.30 0.85
C GLN A 42 9.44 -14.63 1.39
N THR A 43 8.59 -15.64 1.33
CA THR A 43 8.97 -16.94 1.84
C THR A 43 9.55 -17.82 0.74
N MET A 44 9.30 -17.42 -0.51
CA MET A 44 9.79 -18.16 -1.67
C MET A 44 10.34 -17.22 -2.75
N GLY A 45 11.19 -16.29 -2.35
CA GLY A 45 11.77 -15.36 -3.30
C GLY A 45 12.54 -16.11 -4.36
N HIS A 46 12.40 -15.69 -5.61
CA HIS A 46 13.07 -16.33 -6.74
C HIS A 46 13.99 -15.40 -7.50
N GLY A 47 15.12 -15.93 -7.96
CA GLY A 47 16.05 -15.14 -8.74
C GLY A 47 16.05 -15.73 -10.13
N ALA A 48 16.95 -15.26 -11.00
CA ALA A 48 17.03 -15.77 -12.36
C ALA A 48 17.60 -17.18 -12.37
N LEU A 49 17.23 -17.95 -13.38
CA LEU A 49 17.71 -19.32 -13.53
C LEU A 49 17.44 -20.21 -12.31
N ASN A 50 16.23 -20.12 -11.78
CA ASN A 50 15.80 -20.94 -10.63
C ASN A 50 16.59 -20.81 -9.33
N ARG A 51 17.15 -19.64 -9.06
CA ARG A 51 17.92 -19.46 -7.83
C ARG A 51 17.01 -18.97 -6.70
N LYS A 52 17.47 -19.12 -5.47
CA LYS A 52 16.70 -18.65 -4.32
C LYS A 52 17.15 -17.26 -3.96
N TRP A 53 16.20 -16.37 -3.72
CA TRP A 53 16.51 -15.00 -3.36
C TRP A 53 16.04 -14.75 -1.93
N GLU A 54 16.99 -14.54 -1.03
CA GLU A 54 16.68 -14.30 0.38
C GLU A 54 15.93 -12.97 0.49
N SER A 55 14.76 -13.02 1.12
CA SER A 55 13.92 -11.83 1.24
C SER A 55 13.41 -11.57 2.65
N PRO A 56 14.32 -11.35 3.61
CA PRO A 56 13.90 -11.09 4.98
C PRO A 56 13.37 -9.68 5.18
N GLU A 57 12.76 -9.43 6.33
CA GLU A 57 12.24 -8.12 6.64
C GLU A 57 13.38 -7.11 6.65
N GLY A 58 13.11 -5.91 6.12
CA GLY A 58 14.13 -4.89 6.07
C GLY A 58 14.49 -4.50 4.65
N GLY A 59 14.21 -5.38 3.70
CA GLY A 59 14.52 -5.08 2.30
C GLY A 59 13.31 -4.64 1.50
N LEU A 60 13.55 -4.28 0.24
CA LEU A 60 12.49 -3.85 -0.66
C LEU A 60 12.28 -4.95 -1.70
N TRP A 61 11.16 -5.64 -1.58
CA TRP A 61 10.82 -6.74 -2.47
C TRP A 61 9.54 -6.37 -3.21
N LEU A 62 9.64 -6.09 -4.50
CA LEU A 62 8.46 -5.70 -5.25
C LEU A 62 8.45 -6.15 -6.71
N SER A 63 7.27 -6.13 -7.29
CA SER A 63 7.06 -6.50 -8.68
C SER A 63 6.11 -5.48 -9.27
N ILE A 64 6.28 -5.20 -10.56
CA ILE A 64 5.44 -4.23 -11.24
C ILE A 64 4.82 -4.86 -12.48
N VAL A 65 3.52 -4.70 -12.64
CA VAL A 65 2.82 -5.23 -13.79
C VAL A 65 2.91 -4.22 -14.92
N LEU A 66 3.42 -4.67 -16.07
CA LEU A 66 3.58 -3.80 -17.23
C LEU A 66 2.94 -4.45 -18.45
N SER A 67 2.48 -3.63 -19.38
CA SER A 67 1.87 -4.11 -20.61
C SER A 67 2.35 -3.16 -21.71
N PRO A 68 3.68 -3.11 -21.93
CA PRO A 68 4.32 -2.29 -22.94
C PRO A 68 3.86 -2.68 -24.35
N LYS A 69 3.31 -1.69 -25.07
CA LYS A 69 2.92 -1.93 -26.45
C LYS A 69 4.05 -1.54 -27.40
N VAL A 70 5.23 -2.12 -27.15
CA VAL A 70 6.35 -1.89 -28.05
C VAL A 70 6.66 -3.17 -28.85
N PRO A 71 7.40 -2.99 -29.96
CA PRO A 71 7.81 -4.13 -30.76
C PRO A 71 8.51 -5.20 -29.91
N GLN A 72 8.32 -6.45 -30.28
CA GLN A 72 8.90 -7.56 -29.54
C GLN A 72 10.41 -7.45 -29.38
N LYS A 73 11.06 -6.76 -30.32
CA LYS A 73 12.50 -6.59 -30.29
C LYS A 73 12.97 -5.74 -29.12
N ASP A 74 12.08 -4.91 -28.59
CA ASP A 74 12.42 -4.03 -27.48
C ASP A 74 12.09 -4.60 -26.11
N LEU A 75 11.19 -5.58 -26.07
CA LEU A 75 10.79 -6.19 -24.81
C LEU A 75 11.93 -6.67 -23.91
N PRO A 76 13.01 -7.22 -24.50
CA PRO A 76 14.12 -7.68 -23.65
C PRO A 76 14.84 -6.59 -22.86
N LYS A 77 14.55 -5.33 -23.16
CA LYS A 77 15.20 -4.22 -22.47
C LYS A 77 14.54 -3.82 -21.15
N ILE A 78 13.39 -4.42 -20.86
CA ILE A 78 12.67 -4.09 -19.64
C ILE A 78 13.51 -4.33 -18.37
N VAL A 79 14.33 -5.37 -18.38
CA VAL A 79 15.17 -5.67 -17.21
C VAL A 79 16.08 -4.48 -16.92
N PHE A 80 16.51 -3.78 -17.97
CA PHE A 80 17.39 -2.64 -17.80
C PHE A 80 16.69 -1.48 -17.10
N LEU A 81 15.37 -1.36 -17.27
CA LEU A 81 14.64 -0.28 -16.62
C LEU A 81 14.76 -0.50 -15.12
N GLY A 82 14.63 -1.75 -14.70
CA GLY A 82 14.76 -2.07 -13.28
C GLY A 82 16.14 -1.79 -12.75
N ALA A 83 17.17 -2.26 -13.46
CA ALA A 83 18.55 -2.04 -13.01
C ALA A 83 18.90 -0.56 -12.92
N VAL A 84 18.58 0.21 -13.96
CA VAL A 84 18.89 1.63 -13.95
C VAL A 84 18.09 2.35 -12.87
N GLY A 85 16.82 1.97 -12.70
CA GLY A 85 16.00 2.60 -11.67
C GLY A 85 16.65 2.43 -10.30
N VAL A 86 17.15 1.24 -10.03
CA VAL A 86 17.81 0.96 -8.77
C VAL A 86 19.08 1.81 -8.63
N VAL A 87 19.88 1.87 -9.70
CA VAL A 87 21.10 2.68 -9.65
C VAL A 87 20.79 4.15 -9.34
N GLU A 88 19.78 4.70 -10.01
CA GLU A 88 19.41 6.09 -9.78
C GLU A 88 18.97 6.32 -8.34
N THR A 89 18.20 5.40 -7.79
CA THR A 89 17.77 5.52 -6.41
C THR A 89 18.97 5.45 -5.47
N LEU A 90 19.89 4.54 -5.73
CA LEU A 90 21.08 4.42 -4.89
C LEU A 90 21.91 5.70 -4.92
N LYS A 91 22.03 6.32 -6.10
CA LYS A 91 22.79 7.56 -6.20
C LYS A 91 22.12 8.66 -5.40
N GLU A 92 20.79 8.64 -5.35
CA GLU A 92 20.04 9.63 -4.58
C GLU A 92 20.40 9.53 -3.09
N PHE A 93 20.74 8.28 -2.67
CA PHE A 93 21.14 8.05 -1.28
C PHE A 93 22.67 8.02 -1.14
N SER A 94 23.36 8.50 -2.22
CA SER A 94 24.83 8.61 -2.25
C SER A 94 25.54 7.25 -2.15
N ILE A 95 24.96 6.23 -2.79
CA ILE A 95 25.55 4.90 -2.83
C ILE A 95 25.90 4.63 -4.28
N ASP A 96 27.14 4.19 -4.52
CA ASP A 96 27.61 3.94 -5.88
C ASP A 96 27.27 2.57 -6.44
N GLY A 97 26.03 2.42 -6.92
CA GLY A 97 25.61 1.18 -7.51
C GLY A 97 26.04 1.08 -8.96
N ARG A 98 26.53 -0.08 -9.36
CA ARG A 98 26.98 -0.31 -10.73
C ARG A 98 26.33 -1.59 -11.23
N ILE A 99 25.94 -1.59 -12.50
CA ILE A 99 25.27 -2.74 -13.07
C ILE A 99 26.16 -3.89 -13.54
N LYS A 100 25.82 -5.09 -13.07
CA LYS A 100 26.49 -6.30 -13.48
C LYS A 100 25.50 -6.86 -14.49
N TRP A 101 25.87 -6.79 -15.77
CA TRP A 101 25.03 -7.26 -16.85
C TRP A 101 24.46 -8.66 -16.60
N PRO A 102 23.14 -8.84 -16.82
CA PRO A 102 22.26 -7.78 -17.29
C PRO A 102 21.22 -7.34 -16.26
N ASN A 103 21.19 -8.02 -15.12
CA ASN A 103 20.15 -7.76 -14.13
C ASN A 103 20.55 -7.48 -12.68
N ASP A 104 21.84 -7.41 -12.40
CA ASP A 104 22.28 -7.20 -11.03
C ASP A 104 22.91 -5.84 -10.79
N VAL A 105 22.84 -5.37 -9.55
CA VAL A 105 23.44 -4.10 -9.19
C VAL A 105 24.41 -4.37 -8.04
N LEU A 106 25.65 -3.94 -8.21
CA LEU A 106 26.67 -4.17 -7.19
C LEU A 106 27.22 -2.87 -6.61
N VAL A 107 27.75 -2.96 -5.40
CA VAL A 107 28.39 -1.84 -4.75
C VAL A 107 29.71 -2.44 -4.31
N ASN A 108 30.80 -1.96 -4.88
CA ASN A 108 32.13 -2.49 -4.59
C ASN A 108 32.14 -3.99 -4.86
N TYR A 109 31.49 -4.37 -5.97
CA TYR A 109 31.41 -5.76 -6.40
C TYR A 109 30.60 -6.70 -5.51
N LYS A 110 29.79 -6.12 -4.63
CA LYS A 110 28.94 -6.93 -3.76
C LYS A 110 27.49 -6.65 -4.15
N ALA A 111 26.74 -7.72 -4.38
CA ALA A 111 25.34 -7.60 -4.80
C ALA A 111 24.43 -6.90 -3.80
N ILE A 112 23.79 -5.83 -4.25
CA ILE A 112 22.86 -5.08 -3.41
C ILE A 112 21.44 -5.19 -3.94
N ALA A 113 21.30 -5.60 -5.20
CA ALA A 113 19.98 -5.73 -5.81
C ALA A 113 19.99 -6.67 -7.00
N GLY A 114 18.82 -7.23 -7.29
CA GLY A 114 18.66 -8.14 -8.40
C GLY A 114 17.33 -7.87 -9.08
N VAL A 115 17.29 -8.05 -10.40
CA VAL A 115 16.09 -7.82 -11.20
C VAL A 115 15.69 -9.08 -11.96
N LEU A 116 14.39 -9.39 -11.93
CA LEU A 116 13.87 -10.56 -12.63
C LEU A 116 12.61 -10.21 -13.40
N VAL A 117 12.67 -10.33 -14.72
CA VAL A 117 11.54 -10.02 -15.59
C VAL A 117 10.95 -11.32 -16.14
N GLU A 118 9.64 -11.47 -16.00
CA GLU A 118 8.97 -12.65 -16.50
C GLU A 118 7.81 -12.20 -17.37
N GLY A 119 7.74 -12.73 -18.59
CA GLY A 119 6.67 -12.32 -19.49
C GLY A 119 6.05 -13.48 -20.23
N LYS A 120 5.03 -13.19 -21.03
CA LYS A 120 4.34 -14.22 -21.78
C LYS A 120 3.77 -13.69 -23.09
N GLY A 121 3.94 -12.39 -23.31
CA GLY A 121 3.43 -11.79 -24.53
C GLY A 121 2.99 -10.36 -24.27
N ASP A 122 1.83 -10.20 -23.65
CA ASP A 122 1.32 -8.87 -23.34
C ASP A 122 1.75 -8.45 -21.95
N LYS A 123 1.38 -9.25 -20.95
CA LYS A 123 1.69 -8.96 -19.55
C LYS A 123 3.14 -9.28 -19.16
N ILE A 124 3.85 -8.26 -18.71
CA ILE A 124 5.25 -8.42 -18.30
C ILE A 124 5.35 -8.04 -16.83
N VAL A 125 6.06 -8.85 -16.06
CA VAL A 125 6.24 -8.58 -14.64
C VAL A 125 7.70 -8.23 -14.37
N LEU A 126 7.91 -7.04 -13.86
CA LEU A 126 9.25 -6.55 -13.54
C LEU A 126 9.48 -6.68 -12.04
N GLY A 127 10.31 -7.64 -11.65
CA GLY A 127 10.59 -7.86 -10.25
C GLY A 127 11.91 -7.28 -9.82
N ILE A 128 11.93 -6.65 -8.65
CA ILE A 128 13.14 -6.02 -8.14
C ILE A 128 13.30 -6.32 -6.65
N GLY A 129 14.50 -6.76 -6.29
CA GLY A 129 14.81 -7.04 -4.90
C GLY A 129 16.00 -6.17 -4.52
N LEU A 130 15.84 -5.31 -3.53
CA LEU A 130 16.92 -4.42 -3.10
C LEU A 130 17.15 -4.53 -1.61
N ASN A 131 18.38 -4.83 -1.21
CA ASN A 131 18.70 -4.95 0.22
C ASN A 131 18.82 -3.57 0.81
N VAL A 132 17.99 -3.28 1.81
CA VAL A 132 18.01 -1.99 2.46
C VAL A 132 18.51 -2.12 3.90
N ASN A 133 17.67 -2.59 4.81
CA ASN A 133 18.06 -2.75 6.20
C ASN A 133 18.14 -4.20 6.66
N ASN A 134 17.88 -5.12 5.74
CA ASN A 134 17.89 -6.54 6.04
C ASN A 134 19.28 -7.17 6.11
N LYS A 135 19.35 -8.34 6.74
CA LYS A 135 20.59 -9.08 6.81
C LYS A 135 20.72 -9.65 5.40
N VAL A 136 21.94 -9.84 4.93
CA VAL A 136 22.16 -10.35 3.58
C VAL A 136 23.09 -11.56 3.57
N PRO A 137 23.10 -12.31 2.46
CA PRO A 137 23.97 -13.47 2.35
C PRO A 137 25.43 -13.01 2.41
N ASN A 138 26.33 -13.89 2.83
CA ASN A 138 27.74 -13.55 2.90
C ASN A 138 28.16 -13.09 1.50
N GLY A 139 28.88 -11.98 1.42
CA GLY A 139 29.32 -11.49 0.13
C GLY A 139 28.44 -10.43 -0.49
N ALA A 140 27.18 -10.36 -0.06
CA ALA A 140 26.26 -9.35 -0.59
C ALA A 140 26.37 -8.12 0.30
N THR A 141 25.59 -7.10 -0.01
CA THR A 141 25.61 -5.88 0.80
C THR A 141 24.24 -5.24 0.80
N SER A 142 24.09 -4.17 1.56
CA SER A 142 22.80 -3.49 1.66
C SER A 142 23.04 -1.99 1.80
N MET A 143 21.97 -1.22 1.69
CA MET A 143 22.08 0.23 1.82
C MET A 143 22.55 0.58 3.23
N LYS A 144 21.99 -0.13 4.22
CA LYS A 144 22.36 0.11 5.62
C LYS A 144 23.84 -0.19 5.86
N LEU A 145 24.31 -1.29 5.29
CA LEU A 145 25.72 -1.67 5.46
C LEU A 145 26.65 -0.66 4.80
N GLU A 146 26.23 -0.13 3.65
CA GLU A 146 27.04 0.84 2.94
C GLU A 146 27.06 2.22 3.61
N LEU A 147 25.91 2.68 4.06
CA LEU A 147 25.80 3.99 4.69
C LEU A 147 26.14 3.99 6.18
N GLY A 148 26.12 2.82 6.79
CA GLY A 148 26.45 2.72 8.21
C GLY A 148 25.28 3.01 9.13
N SER A 149 24.10 3.20 8.55
CA SER A 149 22.89 3.48 9.32
C SER A 149 21.65 3.00 8.60
N GLU A 150 20.56 2.85 9.35
CA GLU A 150 19.30 2.41 8.79
C GLU A 150 18.73 3.47 7.86
N VAL A 151 18.10 3.00 6.78
CA VAL A 151 17.49 3.89 5.78
C VAL A 151 15.97 3.68 5.80
N PRO A 152 15.19 4.77 5.80
CA PRO A 152 13.74 4.63 5.81
C PRO A 152 13.28 3.87 4.57
N LEU A 153 12.76 2.66 4.80
CA LEU A 153 12.32 1.81 3.71
C LEU A 153 11.31 2.47 2.77
N LEU A 154 10.33 3.18 3.34
CA LEU A 154 9.33 3.85 2.51
C LEU A 154 9.96 4.92 1.62
N SER A 155 11.00 5.59 2.11
CA SER A 155 11.68 6.62 1.32
C SER A 155 12.35 6.00 0.11
N VAL A 156 12.90 4.80 0.26
CA VAL A 156 13.54 4.11 -0.84
C VAL A 156 12.47 3.71 -1.84
N PHE A 157 11.33 3.23 -1.34
CA PHE A 157 10.22 2.83 -2.20
C PHE A 157 9.73 4.00 -3.04
N ARG A 158 9.50 5.14 -2.39
CA ARG A 158 9.03 6.32 -3.11
C ARG A 158 10.02 6.72 -4.19
N SER A 159 11.30 6.73 -3.82
CA SER A 159 12.35 7.09 -4.77
C SER A 159 12.38 6.17 -5.98
N LEU A 160 12.36 4.86 -5.72
CA LEU A 160 12.42 3.90 -6.81
C LEU A 160 11.21 3.95 -7.73
N ILE A 161 10.01 4.04 -7.14
CA ILE A 161 8.81 4.10 -7.95
C ILE A 161 8.81 5.33 -8.85
N THR A 162 9.26 6.46 -8.32
CA THR A 162 9.32 7.69 -9.10
C THR A 162 10.29 7.51 -10.27
N ASN A 163 11.45 6.94 -10.00
CA ASN A 163 12.43 6.73 -11.06
C ASN A 163 11.92 5.76 -12.11
N LEU A 164 11.34 4.65 -11.67
CA LEU A 164 10.84 3.65 -12.60
C LEU A 164 9.72 4.19 -13.48
N ASP A 165 8.83 5.01 -12.92
CA ASP A 165 7.75 5.56 -13.71
C ASP A 165 8.29 6.44 -14.84
N ARG A 166 9.27 7.29 -14.52
CA ARG A 166 9.87 8.17 -15.52
C ARG A 166 10.57 7.36 -16.60
N LEU A 167 11.36 6.39 -16.17
CA LEU A 167 12.10 5.54 -17.10
C LEU A 167 11.15 4.77 -18.02
N TYR A 168 10.07 4.25 -17.46
CA TYR A 168 9.12 3.47 -18.26
C TYR A 168 8.38 4.33 -19.29
N LEU A 169 7.89 5.49 -18.88
CA LEU A 169 7.18 6.35 -19.81
C LEU A 169 8.07 6.76 -20.97
N ASN A 170 9.35 7.05 -20.69
CA ASN A 170 10.25 7.44 -21.77
C ASN A 170 10.57 6.23 -22.64
N PHE A 171 10.63 5.06 -22.02
CA PHE A 171 10.92 3.82 -22.74
C PHE A 171 9.86 3.56 -23.82
N LEU A 172 8.60 3.82 -23.47
CA LEU A 172 7.52 3.61 -24.42
C LEU A 172 7.73 4.50 -25.64
N LYS A 173 8.23 5.71 -25.41
CA LYS A 173 8.47 6.67 -26.48
C LYS A 173 9.79 6.45 -27.20
N ASN A 174 10.87 6.35 -26.42
CA ASN A 174 12.22 6.17 -26.95
C ASN A 174 12.86 4.92 -26.35
N PRO A 175 12.52 3.73 -26.87
CA PRO A 175 13.04 2.44 -26.42
C PRO A 175 14.56 2.27 -26.40
N MET A 176 15.27 3.12 -27.13
CA MET A 176 16.73 3.02 -27.20
C MET A 176 17.45 3.81 -26.11
N ASP A 177 16.78 4.81 -25.56
CA ASP A 177 17.38 5.65 -24.52
C ASP A 177 17.92 4.90 -23.32
N ILE A 178 17.21 3.86 -22.89
CA ILE A 178 17.63 3.09 -21.73
C ILE A 178 19.02 2.48 -21.91
N LEU A 179 19.35 2.10 -23.14
CA LEU A 179 20.65 1.49 -23.42
C LEU A 179 21.80 2.41 -23.05
N ASN A 180 21.65 3.70 -23.32
CA ASN A 180 22.70 4.66 -22.99
C ASN A 180 22.88 4.76 -21.47
N LEU A 181 21.77 4.72 -20.74
CA LEU A 181 21.84 4.80 -19.29
C LEU A 181 22.52 3.55 -18.72
N VAL A 182 22.26 2.40 -19.33
CA VAL A 182 22.88 1.16 -18.86
C VAL A 182 24.39 1.25 -19.07
N ARG A 183 24.81 1.67 -20.26
CA ARG A 183 26.25 1.79 -20.55
C ARG A 183 26.98 2.64 -19.55
N ASP A 184 26.42 3.82 -19.27
CA ASP A 184 27.04 4.76 -18.34
C ASP A 184 27.09 4.28 -16.89
N ASN A 185 26.28 3.27 -16.58
CA ASN A 185 26.22 2.76 -15.20
C ASN A 185 26.58 1.29 -15.06
N MET A 186 27.20 0.71 -16.08
CA MET A 186 27.54 -0.71 -15.98
C MET A 186 29.03 -0.93 -15.83
N ILE A 187 29.38 -2.08 -15.26
CA ILE A 187 30.77 -2.45 -15.06
C ILE A 187 31.33 -2.96 -16.38
N LEU A 188 32.33 -2.25 -16.91
CA LEU A 188 32.95 -2.63 -18.18
C LEU A 188 34.47 -2.51 -18.08
N GLY A 189 35.15 -3.00 -19.12
CA GLY A 189 36.60 -2.90 -19.15
C GLY A 189 37.33 -3.88 -18.25
N VAL A 190 36.63 -4.91 -17.78
CA VAL A 190 37.24 -5.91 -16.92
C VAL A 190 36.96 -7.30 -17.48
N ARG A 191 37.71 -8.29 -17.02
CA ARG A 191 37.55 -9.64 -17.50
C ARG A 191 36.37 -10.35 -16.84
N VAL A 192 35.59 -11.06 -17.66
CA VAL A 192 34.44 -11.79 -17.17
C VAL A 192 34.39 -13.18 -17.79
N LYS A 193 33.65 -14.06 -17.15
CA LYS A 193 33.47 -15.41 -17.64
C LYS A 193 31.98 -15.57 -17.91
N ILE A 194 31.64 -16.06 -19.09
CA ILE A 194 30.25 -16.28 -19.45
C ILE A 194 29.93 -17.76 -19.32
N LEU A 195 28.96 -18.08 -18.46
CA LEU A 195 28.57 -19.46 -18.24
C LEU A 195 27.22 -19.80 -18.89
N GLY A 196 27.24 -20.83 -19.73
CA GLY A 196 26.04 -21.28 -20.41
C GLY A 196 26.34 -22.67 -20.92
N ASP A 197 26.14 -22.89 -22.22
CA ASP A 197 26.46 -24.19 -22.80
C ASP A 197 27.98 -24.17 -22.90
N GLY A 198 28.64 -24.44 -21.78
CA GLY A 198 30.09 -24.39 -21.75
C GLY A 198 30.43 -23.02 -21.18
N SER A 199 31.58 -22.47 -21.56
CA SER A 199 31.94 -21.15 -21.05
C SER A 199 33.14 -20.56 -21.78
N PHE A 200 33.28 -19.25 -21.68
CA PHE A 200 34.39 -18.56 -22.30
C PHE A 200 34.66 -17.29 -21.48
N GLU A 201 35.88 -16.77 -21.60
CA GLU A 201 36.26 -15.57 -20.87
C GLU A 201 36.73 -14.49 -21.82
N GLY A 202 36.67 -13.25 -21.36
CA GLY A 202 37.11 -12.13 -22.17
C GLY A 202 36.82 -10.82 -21.49
N ILE A 203 37.15 -9.72 -22.16
CA ILE A 203 36.90 -8.40 -21.60
C ILE A 203 35.50 -7.93 -21.98
N ALA A 204 34.73 -7.50 -20.99
CA ALA A 204 33.39 -6.99 -21.22
C ALA A 204 33.62 -5.58 -21.75
N GLU A 205 33.44 -5.40 -23.05
CA GLU A 205 33.69 -4.11 -23.70
C GLU A 205 32.55 -3.11 -23.67
N ASP A 206 31.33 -3.58 -23.91
CA ASP A 206 30.19 -2.68 -23.97
C ASP A 206 28.93 -3.49 -24.24
N ILE A 207 27.80 -2.81 -24.41
CA ILE A 207 26.57 -3.50 -24.78
C ILE A 207 26.21 -2.87 -26.12
N ASP A 208 25.65 -3.67 -27.03
CA ASP A 208 25.32 -3.11 -28.33
C ASP A 208 23.91 -2.55 -28.39
N ASP A 209 23.43 -2.25 -29.60
CA ASP A 209 22.11 -1.64 -29.78
C ASP A 209 20.94 -2.57 -29.46
N PHE A 210 21.25 -3.85 -29.17
CA PHE A 210 20.23 -4.80 -28.76
C PHE A 210 20.33 -5.16 -27.26
N GLY A 211 21.30 -4.52 -26.60
CA GLY A 211 21.52 -4.80 -25.18
C GLY A 211 22.40 -6.05 -24.98
N ARG A 212 22.98 -6.56 -26.07
CA ARG A 212 23.85 -7.73 -25.98
C ARG A 212 25.20 -7.32 -25.42
N LEU A 213 25.77 -8.16 -24.55
CA LEU A 213 27.08 -7.86 -23.98
C LEU A 213 28.14 -8.22 -25.01
N ILE A 214 29.04 -7.28 -25.28
CA ILE A 214 30.11 -7.50 -26.25
C ILE A 214 31.37 -7.92 -25.50
N ILE A 215 31.86 -9.12 -25.80
CA ILE A 215 33.04 -9.66 -25.14
C ILE A 215 34.19 -9.85 -26.13
N ARG A 216 35.37 -9.38 -25.77
CA ARG A 216 36.54 -9.55 -26.62
C ARG A 216 37.41 -10.64 -25.99
N LEU A 217 37.50 -11.78 -26.67
CA LEU A 217 38.32 -12.89 -26.17
C LEU A 217 39.79 -12.58 -26.45
N ASP A 218 40.69 -13.24 -25.74
CA ASP A 218 42.13 -13.00 -25.86
C ASP A 218 42.59 -13.16 -27.32
N SER A 219 41.91 -14.08 -28.03
CA SER A 219 42.29 -14.34 -29.41
C SER A 219 41.93 -13.17 -30.34
N GLY A 220 41.08 -12.27 -29.80
CA GLY A 220 40.63 -11.15 -30.61
C GLY A 220 39.19 -11.38 -31.10
N GLU A 221 38.75 -12.66 -31.00
CA GLU A 221 37.37 -12.94 -31.37
C GLU A 221 36.39 -12.11 -30.55
N VAL A 222 35.35 -11.63 -31.20
CA VAL A 222 34.33 -10.86 -30.52
C VAL A 222 33.05 -11.67 -30.47
N LYS A 223 32.48 -11.81 -29.27
CA LYS A 223 31.24 -12.54 -29.10
C LYS A 223 30.17 -11.61 -28.54
N LYS A 224 28.93 -11.85 -28.95
CA LYS A 224 27.81 -11.04 -28.50
C LYS A 224 26.91 -11.95 -27.68
N VAL A 225 26.75 -11.61 -26.41
CA VAL A 225 25.95 -12.41 -25.50
C VAL A 225 24.53 -11.91 -25.32
N ILE A 226 23.57 -12.81 -25.55
CA ILE A 226 22.16 -12.50 -25.38
C ILE A 226 21.83 -13.10 -24.01
N TYR A 227 21.21 -12.33 -23.13
CA TYR A 227 20.90 -12.88 -21.81
C TYR A 227 19.65 -13.75 -21.86
N GLY A 228 19.49 -14.60 -20.85
CA GLY A 228 18.34 -15.47 -20.80
C GLY A 228 18.68 -16.82 -20.20
N ASP A 229 19.71 -17.46 -20.74
CA ASP A 229 20.14 -18.76 -20.25
C ASP A 229 21.64 -18.78 -19.97
N VAL A 230 22.17 -17.63 -19.57
CA VAL A 230 23.59 -17.52 -19.26
C VAL A 230 23.81 -16.74 -17.97
N SER A 231 24.98 -16.92 -17.38
CA SER A 231 25.34 -16.23 -16.14
C SER A 231 26.72 -15.61 -16.34
N LEU A 232 26.94 -14.47 -15.69
CA LEU A 232 28.21 -13.76 -15.80
C LEU A 232 28.97 -13.82 -14.48
N ARG A 233 30.28 -14.01 -14.58
CA ARG A 233 31.13 -14.08 -13.41
C ARG A 233 32.37 -13.23 -13.61
N PHE A 234 32.65 -12.34 -12.67
CA PHE A 234 33.84 -11.51 -12.76
C PHE A 234 35.04 -12.32 -12.31
N LEU A 235 36.18 -12.12 -12.97
CA LEU A 235 37.39 -12.85 -12.61
C LEU A 235 38.28 -12.00 -11.70
N MET B 1 6.69 -3.15 2.45
CA MET B 1 7.64 -2.12 2.91
C MET B 1 7.05 -1.23 4.01
N LEU B 2 5.76 -1.42 4.29
CA LEU B 2 5.09 -0.64 5.33
C LEU B 2 5.41 -1.18 6.72
N GLY B 3 5.80 -2.44 6.80
CA GLY B 3 6.13 -3.03 8.09
C GLY B 3 5.03 -3.03 9.13
N LEU B 4 3.80 -3.29 8.71
CA LEU B 4 2.69 -3.34 9.66
C LEU B 4 2.83 -4.58 10.53
N LYS B 5 2.53 -4.44 11.81
CA LYS B 5 2.65 -5.55 12.75
C LYS B 5 1.33 -6.01 13.33
N THR B 6 0.24 -5.61 12.68
CA THR B 6 -1.10 -5.99 13.11
C THR B 6 -1.35 -7.48 12.84
N SER B 7 -2.32 -8.06 13.55
CA SER B 7 -2.63 -9.48 13.39
C SER B 7 -3.55 -9.78 12.22
N ILE B 8 -4.65 -9.04 12.12
CA ILE B 8 -5.62 -9.27 11.06
C ILE B 8 -5.80 -8.08 10.13
N ILE B 9 -6.22 -6.95 10.68
CA ILE B 9 -6.44 -5.77 9.88
C ILE B 9 -5.11 -5.18 9.43
N GLY B 10 -4.88 -5.20 8.13
CA GLY B 10 -3.65 -4.66 7.60
C GLY B 10 -2.68 -5.74 7.12
N ARG B 11 -3.14 -7.01 7.16
CA ARG B 11 -2.29 -8.09 6.63
C ARG B 11 -1.94 -7.80 5.16
N ARG B 12 -2.95 -7.19 4.50
CA ARG B 12 -2.77 -6.72 3.14
C ARG B 12 -3.42 -5.35 2.99
N VAL B 13 -2.83 -4.49 2.16
CA VAL B 13 -3.36 -3.16 1.95
C VAL B 13 -3.32 -2.84 0.47
N ILE B 14 -4.44 -2.44 -0.10
CA ILE B 14 -4.48 -2.08 -1.51
C ILE B 14 -4.68 -0.58 -1.58
N TYR B 15 -3.67 0.10 -2.10
CA TYR B 15 -3.69 1.56 -2.24
C TYR B 15 -4.01 2.00 -3.67
N PHE B 16 -4.84 3.04 -3.78
CA PHE B 16 -5.25 3.62 -5.07
C PHE B 16 -4.95 5.12 -5.09
N GLN B 17 -4.35 5.60 -6.19
CA GLN B 17 -4.21 7.04 -6.32
C GLN B 17 -5.60 7.69 -6.38
N GLU B 18 -6.49 7.00 -7.10
CA GLU B 18 -7.87 7.45 -7.25
C GLU B 18 -8.82 6.26 -7.35
N ILE B 19 -10.02 6.40 -6.80
CA ILE B 19 -10.99 5.32 -6.83
C ILE B 19 -12.39 5.91 -6.79
N THR B 20 -13.39 5.14 -7.20
CA THR B 20 -14.76 5.62 -7.15
C THR B 20 -15.15 5.62 -5.66
N SER B 21 -15.03 4.45 -5.04
CA SER B 21 -15.34 4.28 -3.62
C SER B 21 -14.61 3.06 -3.08
N THR B 22 -13.92 3.21 -1.96
CA THR B 22 -13.21 2.09 -1.37
C THR B 22 -14.22 1.04 -0.87
N ASN B 23 -15.38 1.50 -0.43
CA ASN B 23 -16.41 0.59 0.06
C ASN B 23 -16.94 -0.26 -1.10
N GLU B 24 -17.18 0.38 -2.25
CA GLU B 24 -17.69 -0.34 -3.40
C GLU B 24 -16.68 -1.37 -3.90
N PHE B 25 -15.41 -0.98 -3.95
CA PHE B 25 -14.38 -1.89 -4.41
C PHE B 25 -14.26 -3.08 -3.47
N ALA B 26 -14.31 -2.83 -2.16
CA ALA B 26 -14.20 -3.88 -1.16
C ALA B 26 -15.37 -4.87 -1.22
N LYS B 27 -16.54 -4.40 -1.62
CA LYS B 27 -17.71 -5.26 -1.70
C LYS B 27 -17.71 -6.14 -2.94
N THR B 28 -17.31 -5.57 -4.07
CA THR B 28 -17.31 -6.27 -5.35
C THR B 28 -16.06 -7.08 -5.68
N SER B 29 -15.05 -7.05 -4.81
CA SER B 29 -13.82 -7.78 -5.07
C SER B 29 -13.55 -8.87 -4.04
N TYR B 30 -13.01 -10.01 -4.47
CA TYR B 30 -12.70 -11.05 -3.50
C TYR B 30 -11.43 -10.62 -2.78
N LEU B 31 -11.53 -10.44 -1.47
CA LEU B 31 -10.41 -10.01 -0.67
C LEU B 31 -10.38 -10.79 0.64
N GLU B 32 -9.19 -11.15 1.10
CA GLU B 32 -9.06 -11.90 2.34
C GLU B 32 -9.42 -11.01 3.53
N GLU B 33 -9.84 -11.62 4.63
CA GLU B 33 -10.18 -10.85 5.80
C GLU B 33 -9.01 -10.01 6.26
N GLY B 34 -9.29 -8.77 6.64
CA GLY B 34 -8.25 -7.88 7.11
C GLY B 34 -7.67 -6.98 6.03
N THR B 35 -8.04 -7.22 4.78
CA THR B 35 -7.53 -6.40 3.70
C THR B 35 -8.09 -5.00 3.83
N VAL B 36 -7.19 -4.02 3.71
CA VAL B 36 -7.56 -2.61 3.79
C VAL B 36 -7.47 -2.01 2.40
N ILE B 37 -8.51 -1.29 2.00
CA ILE B 37 -8.58 -0.61 0.71
C ILE B 37 -8.47 0.88 1.05
N VAL B 38 -7.47 1.57 0.50
CA VAL B 38 -7.30 2.98 0.81
C VAL B 38 -6.96 3.77 -0.46
N ALA B 39 -7.46 5.00 -0.55
CA ALA B 39 -7.23 5.82 -1.74
C ALA B 39 -6.95 7.28 -1.39
N ASP B 40 -6.13 7.93 -2.21
CA ASP B 40 -5.83 9.34 -1.95
C ASP B 40 -7.08 10.17 -2.11
N LYS B 41 -7.91 9.79 -3.07
CA LYS B 41 -9.14 10.51 -3.37
C LYS B 41 -10.23 9.57 -3.87
N GLN B 42 -11.48 9.91 -3.57
CA GLN B 42 -12.62 9.11 -4.04
C GLN B 42 -13.46 10.03 -4.91
N THR B 43 -13.90 9.53 -6.06
CA THR B 43 -14.73 10.33 -6.95
C THR B 43 -16.21 10.12 -6.69
N MET B 44 -16.55 9.00 -6.04
CA MET B 44 -17.93 8.67 -5.73
C MET B 44 -18.07 8.21 -4.28
N GLY B 45 -17.39 8.90 -3.38
CA GLY B 45 -17.48 8.54 -1.97
C GLY B 45 -18.88 8.79 -1.45
N HIS B 46 -19.36 7.91 -0.57
CA HIS B 46 -20.68 8.06 0.03
C HIS B 46 -20.73 7.46 1.42
N GLY B 47 -21.87 7.68 2.11
CA GLY B 47 -22.05 7.12 3.44
C GLY B 47 -23.54 6.89 3.75
N ALA B 48 -23.90 7.12 5.02
CA ALA B 48 -25.30 6.96 5.41
C ALA B 48 -26.22 7.79 4.52
N LEU B 49 -27.41 7.23 4.25
CA LEU B 49 -28.26 7.86 3.25
C LEU B 49 -27.62 7.83 1.87
N ASN B 50 -28.17 8.66 0.97
CA ASN B 50 -27.66 8.68 -0.40
C ASN B 50 -26.70 9.86 -0.62
N LYS B 52 -23.45 12.27 -0.62
CA LYS B 52 -22.03 12.23 -0.93
C LYS B 52 -21.19 12.44 0.32
N TRP B 53 -19.98 11.91 0.23
CA TRP B 53 -18.99 12.10 1.27
C TRP B 53 -17.80 12.65 0.51
N GLU B 54 -17.55 13.93 0.70
CA GLU B 54 -16.44 14.60 0.03
C GLU B 54 -15.15 13.90 0.40
N SER B 55 -14.42 13.45 -0.62
CA SER B 55 -13.16 12.73 -0.39
C SER B 55 -11.99 13.28 -1.18
N PRO B 56 -11.63 14.56 -0.97
CA PRO B 56 -10.51 15.16 -1.68
C PRO B 56 -9.16 14.70 -1.15
N GLU B 57 -8.09 15.01 -1.89
CA GLU B 57 -6.75 14.64 -1.47
C GLU B 57 -6.45 15.27 -0.11
N GLY B 58 -5.76 14.51 0.74
CA GLY B 58 -5.41 15.03 2.05
C GLY B 58 -6.06 14.28 3.20
N GLY B 59 -7.17 13.61 2.91
CA GLY B 59 -7.86 12.87 3.95
C GLY B 59 -7.57 11.38 3.94
N LEU B 60 -8.10 10.68 4.93
CA LEU B 60 -7.91 9.22 5.03
C LEU B 60 -9.24 8.57 4.68
N TRP B 61 -9.28 7.94 3.50
CA TRP B 61 -10.47 7.28 3.01
C TRP B 61 -10.16 5.79 2.85
N LEU B 62 -10.72 4.96 3.72
CA LEU B 62 -10.41 3.53 3.63
C LEU B 62 -11.55 2.61 4.02
N SER B 63 -11.42 1.35 3.62
CA SER B 63 -12.42 0.33 3.94
C SER B 63 -11.68 -0.92 4.37
N ILE B 64 -12.28 -1.67 5.29
CA ILE B 64 -11.67 -2.89 5.79
C ILE B 64 -12.61 -4.07 5.60
N VAL B 65 -12.08 -5.16 5.06
CA VAL B 65 -12.87 -6.36 4.84
C VAL B 65 -12.85 -7.24 6.07
N LEU B 66 -14.03 -7.55 6.59
CA LEU B 66 -14.14 -8.38 7.78
C LEU B 66 -15.16 -9.49 7.56
N SER B 67 -14.97 -10.62 8.23
CA SER B 67 -15.89 -11.75 8.14
C SER B 67 -15.87 -12.33 9.54
N PRO B 68 -16.33 -11.55 10.53
CA PRO B 68 -16.36 -11.96 11.93
C PRO B 68 -17.21 -13.17 12.26
N LYS B 69 -16.57 -14.17 12.86
CA LYS B 69 -17.25 -15.39 13.25
C LYS B 69 -17.84 -15.19 14.65
N VAL B 70 -18.83 -14.30 14.73
CA VAL B 70 -19.50 -13.99 15.99
C VAL B 70 -21.00 -14.20 15.78
N PRO B 71 -21.76 -14.31 16.88
CA PRO B 71 -23.21 -14.51 16.75
C PRO B 71 -23.86 -13.46 15.87
N GLN B 72 -24.92 -13.86 15.18
CA GLN B 72 -25.67 -12.99 14.28
C GLN B 72 -26.05 -11.64 14.88
N LYS B 73 -26.53 -11.64 16.12
CA LYS B 73 -26.95 -10.41 16.76
C LYS B 73 -25.84 -9.42 17.09
N ASP B 74 -24.59 -9.86 16.99
CA ASP B 74 -23.46 -8.98 17.27
C ASP B 74 -22.92 -8.27 16.04
N LEU B 75 -23.16 -8.86 14.87
CA LEU B 75 -22.68 -8.30 13.61
C LEU B 75 -22.95 -6.81 13.40
N PRO B 76 -24.11 -6.31 13.83
CA PRO B 76 -24.43 -4.89 13.67
C PRO B 76 -23.50 -3.91 14.37
N LYS B 77 -22.74 -4.37 15.35
CA LYS B 77 -21.85 -3.49 16.11
C LYS B 77 -20.51 -3.12 15.45
N ILE B 78 -20.25 -3.63 14.26
CA ILE B 78 -19.00 -3.33 13.58
C ILE B 78 -18.79 -1.82 13.40
N VAL B 79 -19.87 -1.08 13.14
CA VAL B 79 -19.76 0.36 12.96
C VAL B 79 -19.11 1.05 14.15
N PHE B 80 -19.40 0.55 15.35
CA PHE B 80 -18.85 1.15 16.57
C PHE B 80 -17.35 0.94 16.68
N LEU B 81 -16.84 -0.14 16.09
CA LEU B 81 -15.40 -0.41 16.12
C LEU B 81 -14.71 0.73 15.37
N GLY B 82 -15.29 1.12 14.23
CA GLY B 82 -14.71 2.20 13.46
C GLY B 82 -14.75 3.52 14.18
N ALA B 83 -15.89 3.85 14.78
CA ALA B 83 -16.04 5.11 15.49
C ALA B 83 -15.07 5.20 16.67
N VAL B 84 -15.00 4.14 17.48
CA VAL B 84 -14.10 4.14 18.63
C VAL B 84 -12.64 4.19 18.17
N GLY B 85 -12.33 3.45 17.10
CA GLY B 85 -10.97 3.45 16.59
C GLY B 85 -10.53 4.86 16.22
N VAL B 86 -11.43 5.61 15.59
CA VAL B 86 -11.14 6.99 15.22
C VAL B 86 -10.93 7.85 16.47
N VAL B 87 -11.78 7.68 17.48
CA VAL B 87 -11.65 8.45 18.71
C VAL B 87 -10.28 8.19 19.36
N GLU B 88 -9.87 6.92 19.41
CA GLU B 88 -8.59 6.55 20.01
C GLU B 88 -7.42 7.17 19.25
N THR B 89 -7.51 7.15 17.92
CA THR B 89 -6.44 7.72 17.11
C THR B 89 -6.37 9.24 17.31
N LEU B 90 -7.52 9.89 17.30
CA LEU B 90 -7.54 11.34 17.51
C LEU B 90 -6.90 11.70 18.84
N LYS B 91 -7.17 10.91 19.88
CA LYS B 91 -6.60 11.19 21.19
C LYS B 91 -5.08 11.11 21.17
N GLU B 92 -4.55 10.19 20.36
CA GLU B 92 -3.11 10.04 20.24
C GLU B 92 -2.48 11.31 19.67
N PHE B 93 -3.25 12.03 18.87
CA PHE B 93 -2.77 13.27 18.27
C PHE B 93 -3.24 14.50 19.06
N SER B 94 -3.70 14.26 20.28
CA SER B 94 -4.15 15.31 21.18
C SER B 94 -5.44 16.00 20.77
N ILE B 95 -6.33 15.25 20.13
CA ILE B 95 -7.62 15.78 19.69
C ILE B 95 -8.71 14.99 20.41
N ASP B 96 -9.67 15.71 20.98
CA ASP B 96 -10.77 15.07 21.69
C ASP B 96 -12.02 14.91 20.84
N GLY B 97 -12.18 13.72 20.28
CA GLY B 97 -13.34 13.44 19.45
C GLY B 97 -14.43 12.76 20.26
N ARG B 98 -15.68 13.06 19.91
CA ARG B 98 -16.83 12.49 20.59
C ARG B 98 -17.77 11.91 19.55
N ILE B 99 -18.33 10.75 19.85
CA ILE B 99 -19.20 10.09 18.90
C ILE B 99 -20.64 10.62 18.85
N LYS B 100 -21.06 10.95 17.64
CA LYS B 100 -22.44 11.38 17.40
C LYS B 100 -23.05 10.07 16.92
N TRP B 101 -23.80 9.43 17.80
CA TRP B 101 -24.42 8.15 17.49
C TRP B 101 -25.13 8.22 16.13
N PRO B 102 -24.99 7.17 15.31
CA PRO B 102 -24.21 5.97 15.64
C PRO B 102 -22.87 5.86 14.93
N ASN B 103 -22.65 6.69 13.92
CA ASN B 103 -21.45 6.56 13.10
C ASN B 103 -20.56 7.76 12.83
N ASP B 104 -20.76 8.86 13.52
CA ASP B 104 -19.93 10.03 13.27
C ASP B 104 -19.10 10.44 14.47
N VAL B 105 -17.99 11.12 14.19
CA VAL B 105 -17.12 11.60 15.25
C VAL B 105 -17.01 13.11 15.07
N LEU B 106 -17.29 13.83 16.15
CA LEU B 106 -17.23 15.29 16.14
C LEU B 106 -16.17 15.80 17.09
N VAL B 107 -15.66 17.00 16.80
CA VAL B 107 -14.69 17.67 17.67
C VAL B 107 -15.33 19.03 17.88
N ASN B 108 -15.70 19.32 19.12
CA ASN B 108 -16.37 20.58 19.44
C ASN B 108 -17.60 20.71 18.54
N TYR B 109 -18.31 19.59 18.39
CA TYR B 109 -19.52 19.51 17.58
C TYR B 109 -19.36 19.66 16.06
N LYS B 110 -18.12 19.63 15.58
CA LYS B 110 -17.87 19.72 14.14
C LYS B 110 -17.43 18.34 13.64
N ALA B 111 -18.07 17.88 12.56
CA ALA B 111 -17.78 16.56 12.01
C ALA B 111 -16.36 16.42 11.46
N ILE B 112 -15.63 15.43 11.98
CA ILE B 112 -14.26 15.19 11.54
C ILE B 112 -14.12 13.81 10.88
N ALA B 113 -15.09 12.94 11.13
CA ALA B 113 -15.05 11.60 10.54
C ALA B 113 -16.41 10.93 10.48
N GLY B 114 -16.54 9.98 9.57
CA GLY B 114 -17.79 9.25 9.41
C GLY B 114 -17.51 7.78 9.11
N VAL B 115 -18.40 6.91 9.56
CA VAL B 115 -18.23 5.46 9.36
C VAL B 115 -19.44 4.89 8.63
N LEU B 116 -19.17 4.01 7.67
CA LEU B 116 -20.23 3.37 6.90
C LEU B 116 -19.96 1.88 6.71
N VAL B 117 -20.86 1.06 7.22
CA VAL B 117 -20.71 -0.39 7.11
C VAL B 117 -21.69 -0.96 6.10
N GLU B 118 -21.15 -1.68 5.12
CA GLU B 118 -21.97 -2.30 4.09
C GLU B 118 -21.63 -3.79 4.03
N GLY B 119 -22.38 -4.54 3.23
CA GLY B 119 -22.12 -5.95 3.14
C GLY B 119 -22.27 -6.52 1.74
N LYS B 120 -21.70 -7.70 1.53
CA LYS B 120 -21.75 -8.40 0.26
C LYS B 120 -21.49 -9.84 0.65
N GLY B 121 -22.54 -10.67 0.60
CA GLY B 121 -22.38 -12.06 0.99
C GLY B 121 -22.21 -12.04 2.50
N ASP B 122 -21.30 -12.86 3.01
CA ASP B 122 -21.05 -12.88 4.45
C ASP B 122 -19.83 -12.05 4.80
N LYS B 123 -19.45 -11.16 3.88
CA LYS B 123 -18.34 -10.26 4.09
C LYS B 123 -18.90 -8.93 4.57
N ILE B 124 -18.23 -8.33 5.56
CA ILE B 124 -18.66 -7.05 6.07
C ILE B 124 -17.57 -6.05 5.72
N VAL B 125 -17.98 -4.90 5.19
CA VAL B 125 -17.03 -3.87 4.79
C VAL B 125 -17.18 -2.66 5.71
N LEU B 126 -16.11 -2.38 6.46
CA LEU B 126 -16.09 -1.25 7.39
C LEU B 126 -15.42 -0.06 6.72
N GLY B 127 -16.20 0.95 6.38
CA GLY B 127 -15.66 2.13 5.72
C GLY B 127 -15.49 3.29 6.67
N ILE B 128 -14.34 3.94 6.60
CA ILE B 128 -14.04 5.08 7.47
C ILE B 128 -13.46 6.24 6.69
N GLY B 129 -14.04 7.42 6.90
CA GLY B 129 -13.56 8.62 6.26
C GLY B 129 -13.16 9.58 7.35
N LEU B 130 -11.90 10.01 7.35
CA LEU B 130 -11.39 10.92 8.36
C LEU B 130 -10.71 12.12 7.73
N ASN B 131 -11.16 13.32 8.08
CA ASN B 131 -10.56 14.54 7.54
C ASN B 131 -9.23 14.76 8.26
N VAL B 132 -8.18 14.78 7.42
CA VAL B 132 -6.87 15.05 7.99
C VAL B 132 -6.35 16.42 7.54
N ASN B 133 -5.85 16.40 6.29
CA ASN B 133 -5.29 17.64 5.78
C ASN B 133 -6.09 18.28 4.59
N ASN B 134 -7.14 17.57 4.22
CA ASN B 134 -8.03 17.98 3.14
C ASN B 134 -8.98 19.12 3.47
N LYS B 135 -9.51 19.73 2.42
CA LYS B 135 -10.49 20.81 2.56
C LYS B 135 -11.74 20.09 3.05
N VAL B 136 -12.53 20.74 3.89
CA VAL B 136 -13.74 20.13 4.42
C VAL B 136 -14.98 20.99 4.17
N PRO B 137 -16.16 20.36 4.11
CA PRO B 137 -17.42 21.10 3.90
C PRO B 137 -17.63 22.11 5.01
N ASN B 138 -18.44 23.13 4.74
CA ASN B 138 -18.74 24.16 5.72
C ASN B 138 -19.29 23.51 6.99
N GLY B 139 -18.79 23.93 8.15
CA GLY B 139 -19.27 23.37 9.40
C GLY B 139 -18.52 22.15 9.89
N ALA B 140 -17.69 21.57 9.03
CA ALA B 140 -16.92 20.39 9.39
C ALA B 140 -15.53 20.81 9.83
N THR B 141 -14.70 19.85 10.23
CA THR B 141 -13.34 20.16 10.65
C THR B 141 -12.40 19.04 10.24
N SER B 142 -11.11 19.23 10.52
CA SER B 142 -10.09 18.25 10.17
C SER B 142 -8.98 18.27 11.22
N MET B 143 -8.13 17.25 11.20
CA MET B 143 -7.02 17.19 12.13
C MET B 143 -6.12 18.41 11.94
N LYS B 144 -5.94 18.82 10.68
CA LYS B 144 -5.10 19.97 10.35
C LYS B 144 -5.68 21.26 10.94
N LEU B 145 -7.00 21.42 10.80
CA LEU B 145 -7.67 22.61 11.31
C LEU B 145 -7.66 22.64 12.83
N GLU B 146 -7.73 21.46 13.44
CA GLU B 146 -7.72 21.34 14.90
C GLU B 146 -6.34 21.55 15.51
N LEU B 147 -5.31 21.10 14.79
CA LEU B 147 -3.94 21.21 15.28
C LEU B 147 -3.18 22.43 14.77
N GLY B 148 -3.71 23.06 13.71
CA GLY B 148 -3.07 24.23 13.15
C GLY B 148 -1.86 23.93 12.28
N SER B 149 -1.70 22.68 11.87
CA SER B 149 -0.57 22.30 11.03
C SER B 149 -0.87 21.00 10.29
N GLU B 150 -0.13 20.76 9.21
CA GLU B 150 -0.30 19.55 8.43
C GLU B 150 0.06 18.34 9.28
N VAL B 151 -0.69 17.26 9.11
CA VAL B 151 -0.47 16.02 9.86
C VAL B 151 -0.02 14.93 8.89
N PRO B 152 1.08 14.22 9.21
CA PRO B 152 1.56 13.16 8.33
C PRO B 152 0.46 12.12 8.14
N LEU B 153 -0.11 12.07 6.94
CA LEU B 153 -1.20 11.15 6.65
C LEU B 153 -0.90 9.69 6.94
N LEU B 154 0.28 9.21 6.56
CA LEU B 154 0.63 7.82 6.83
C LEU B 154 0.68 7.51 8.32
N SER B 155 1.08 8.48 9.14
CA SER B 155 1.14 8.25 10.57
C SER B 155 -0.27 8.06 11.13
N VAL B 156 -1.24 8.77 10.55
CA VAL B 156 -2.63 8.63 10.99
C VAL B 156 -3.13 7.24 10.60
N PHE B 157 -2.79 6.81 9.39
CA PHE B 157 -3.18 5.49 8.88
C PHE B 157 -2.64 4.40 9.80
N ARG B 158 -1.35 4.48 10.13
CA ARG B 158 -0.72 3.49 10.99
C ARG B 158 -1.41 3.41 12.34
N SER B 159 -1.68 4.57 12.94
CA SER B 159 -2.33 4.65 14.23
C SER B 159 -3.72 4.02 14.20
N LEU B 160 -4.51 4.40 13.19
CA LEU B 160 -5.88 3.89 13.07
C LEU B 160 -5.94 2.39 12.85
N ILE B 161 -5.11 1.88 11.93
CA ILE B 161 -5.09 0.46 11.65
C ILE B 161 -4.70 -0.33 12.90
N THR B 162 -3.73 0.19 13.64
CA THR B 162 -3.30 -0.46 14.87
C THR B 162 -4.46 -0.51 15.87
N ASN B 163 -5.15 0.62 16.05
CA ASN B 163 -6.27 0.65 16.98
C ASN B 163 -7.42 -0.27 16.54
N LEU B 164 -7.73 -0.26 15.26
CA LEU B 164 -8.81 -1.10 14.76
C LEU B 164 -8.50 -2.59 14.91
N ASP B 165 -7.25 -2.99 14.64
CA ASP B 165 -6.87 -4.38 14.78
C ASP B 165 -7.09 -4.85 16.22
N ARG B 166 -6.68 -4.01 17.18
CA ARG B 166 -6.83 -4.35 18.59
C ARG B 166 -8.30 -4.47 18.98
N LEU B 167 -9.11 -3.50 18.57
CA LEU B 167 -10.54 -3.51 18.88
C LEU B 167 -11.22 -4.72 18.25
N TYR B 168 -10.84 -5.03 17.01
CA TYR B 168 -11.45 -6.15 16.31
C TYR B 168 -11.11 -7.48 16.95
N LEU B 169 -9.83 -7.68 17.28
CA LEU B 169 -9.44 -8.94 17.91
C LEU B 169 -10.19 -9.16 19.22
N ASN B 170 -10.42 -8.09 19.98
CA ASN B 170 -11.14 -8.26 21.23
C ASN B 170 -12.62 -8.48 20.97
N PHE B 171 -13.15 -7.82 19.95
CA PHE B 171 -14.56 -7.96 19.58
C PHE B 171 -14.89 -9.42 19.27
N LEU B 172 -13.97 -10.11 18.60
CA LEU B 172 -14.18 -11.50 18.25
C LEU B 172 -14.36 -12.40 19.48
N LYS B 173 -13.77 -11.98 20.60
CA LYS B 173 -13.87 -12.76 21.83
C LYS B 173 -14.88 -12.20 22.82
N ASN B 174 -14.90 -10.88 22.94
CA ASN B 174 -15.79 -10.20 23.88
C ASN B 174 -16.56 -9.11 23.12
N PRO B 175 -17.50 -9.53 22.25
CA PRO B 175 -18.32 -8.61 21.44
C PRO B 175 -19.16 -7.56 22.15
N MET B 176 -19.30 -7.67 23.47
CA MET B 176 -20.09 -6.69 24.21
C MET B 176 -19.26 -5.51 24.69
N ASP B 177 -17.95 -5.71 24.80
CA ASP B 177 -17.04 -4.66 25.26
C ASP B 177 -17.11 -3.34 24.51
N ILE B 178 -17.27 -3.41 23.19
CA ILE B 178 -17.31 -2.20 22.39
C ILE B 178 -18.42 -1.22 22.81
N LEU B 179 -19.56 -1.76 23.27
CA LEU B 179 -20.66 -0.90 23.68
C LEU B 179 -20.27 0.03 24.83
N ASN B 180 -19.45 -0.48 25.74
CA ASN B 180 -19.01 0.33 26.87
C ASN B 180 -18.09 1.44 26.40
N LEU B 181 -17.24 1.15 25.41
CA LEU B 181 -16.33 2.15 24.87
C LEU B 181 -17.11 3.24 24.14
N VAL B 182 -18.15 2.85 23.42
CA VAL B 182 -18.98 3.82 22.70
C VAL B 182 -19.67 4.72 23.72
N ARG B 183 -20.27 4.09 24.72
CA ARG B 183 -20.99 4.80 25.76
C ARG B 183 -20.12 5.86 26.45
N ASP B 184 -18.87 5.50 26.75
CA ASP B 184 -17.98 6.45 27.42
C ASP B 184 -17.39 7.51 26.51
N ASN B 185 -17.64 7.39 25.21
CA ASN B 185 -17.10 8.34 24.25
C ASN B 185 -18.16 8.98 23.33
N MET B 186 -19.42 8.86 23.70
CA MET B 186 -20.47 9.45 22.87
C MET B 186 -21.14 10.62 23.54
N ILE B 187 -21.84 11.42 22.73
CA ILE B 187 -22.55 12.60 23.22
C ILE B 187 -23.91 12.18 23.78
N LEU B 188 -24.09 12.38 25.08
CA LEU B 188 -25.34 12.01 25.75
C LEU B 188 -25.79 13.14 26.66
N GLY B 189 -27.04 13.03 27.13
CA GLY B 189 -27.57 14.04 28.03
C GLY B 189 -28.02 15.30 27.33
N VAL B 190 -28.15 15.25 26.01
CA VAL B 190 -28.58 16.42 25.24
C VAL B 190 -29.82 16.10 24.42
N ARG B 191 -30.52 17.14 24.00
CA ARG B 191 -31.74 16.98 23.24
C ARG B 191 -31.45 16.68 21.76
N VAL B 192 -32.18 15.72 21.21
CA VAL B 192 -32.02 15.34 19.81
C VAL B 192 -33.38 15.16 19.17
N LYS B 193 -33.39 15.18 17.84
CA LYS B 193 -34.62 14.98 17.08
C LYS B 193 -34.35 13.90 16.06
N ILE B 194 -35.23 12.91 16.00
CA ILE B 194 -35.11 11.82 15.04
C ILE B 194 -36.00 12.23 13.87
N LEU B 195 -35.39 12.40 12.70
CA LEU B 195 -36.13 12.82 11.52
C LEU B 195 -36.84 11.68 10.78
N GLY B 196 -37.79 12.06 9.93
CA GLY B 196 -38.51 11.07 9.16
C GLY B 196 -39.94 10.81 9.63
N ASP B 197 -40.49 9.69 9.19
CA ASP B 197 -41.85 9.32 9.55
C ASP B 197 -41.92 9.07 11.06
N GLY B 198 -42.90 9.67 11.71
CA GLY B 198 -43.04 9.49 13.15
C GLY B 198 -41.93 10.22 13.89
N SER B 199 -41.48 11.33 13.32
CA SER B 199 -40.41 12.13 13.91
C SER B 199 -40.76 12.51 15.35
N PHE B 200 -39.75 12.58 16.21
CA PHE B 200 -39.96 12.95 17.61
C PHE B 200 -38.68 13.52 18.21
N GLU B 201 -38.83 14.16 19.37
CA GLU B 201 -37.72 14.78 20.06
C GLU B 201 -37.60 14.27 21.49
N GLY B 202 -36.39 14.37 22.06
CA GLY B 202 -36.20 13.93 23.43
C GLY B 202 -34.75 13.97 23.83
N ILE B 203 -34.47 13.53 25.06
CA ILE B 203 -33.10 13.51 25.55
C ILE B 203 -32.43 12.18 25.21
N ALA B 204 -31.23 12.27 24.62
CA ALA B 204 -30.46 11.07 24.30
C ALA B 204 -29.84 10.64 25.61
N GLU B 205 -30.43 9.60 26.21
CA GLU B 205 -30.00 9.11 27.52
C GLU B 205 -28.79 8.17 27.55
N ASP B 206 -28.79 7.19 26.65
CA ASP B 206 -27.73 6.20 26.63
C ASP B 206 -28.00 5.27 25.45
N ILE B 207 -27.19 4.22 25.32
CA ILE B 207 -27.40 3.22 24.27
C ILE B 207 -27.60 1.93 25.05
N ASP B 208 -28.44 1.03 24.56
CA ASP B 208 -28.67 -0.21 25.28
C ASP B 208 -27.72 -1.32 24.87
N ASP B 209 -28.02 -2.55 25.31
CA ASP B 209 -27.17 -3.70 25.04
C ASP B 209 -27.14 -4.11 23.55
N PHE B 210 -28.02 -3.45 22.74
CA PHE B 210 -28.00 -3.69 21.31
C PHE B 210 -27.42 -2.51 20.53
N GLY B 211 -27.00 -1.47 21.28
CA GLY B 211 -26.45 -0.27 20.65
C GLY B 211 -27.56 0.68 20.19
N ARG B 212 -28.80 0.41 20.61
CA ARG B 212 -29.91 1.29 20.25
C ARG B 212 -29.84 2.57 21.09
N LEU B 213 -30.16 3.70 20.47
CA LEU B 213 -30.14 4.95 21.20
C LEU B 213 -31.43 5.04 22.02
N ILE B 214 -31.28 5.27 23.32
CA ILE B 214 -32.43 5.39 24.21
C ILE B 214 -32.77 6.86 24.36
N ILE B 215 -33.98 7.22 23.92
CA ILE B 215 -34.43 8.61 23.99
C ILE B 215 -35.62 8.77 24.92
N ARG B 216 -35.54 9.76 25.80
CA ARG B 216 -36.65 10.02 26.72
C ARG B 216 -37.40 11.24 26.19
N LEU B 217 -38.65 11.03 25.78
CA LEU B 217 -39.46 12.13 25.27
C LEU B 217 -39.98 12.94 26.45
N ASP B 218 -40.38 14.19 26.20
CA ASP B 218 -40.84 15.04 27.29
C ASP B 218 -42.03 14.44 28.05
N SER B 219 -42.80 13.60 27.33
CA SER B 219 -43.97 12.99 27.95
C SER B 219 -43.57 11.91 28.95
N GLY B 220 -42.30 11.49 28.84
CA GLY B 220 -41.81 10.41 29.69
C GLY B 220 -41.69 9.11 28.89
N GLU B 221 -42.33 9.08 27.71
CA GLU B 221 -42.19 7.90 26.86
C GLU B 221 -40.71 7.65 26.51
N VAL B 222 -40.35 6.38 26.49
CA VAL B 222 -39.00 5.97 26.14
C VAL B 222 -39.04 5.23 24.81
N LYS B 223 -38.23 5.70 23.87
CA LYS B 223 -38.16 5.05 22.57
C LYS B 223 -36.74 4.56 22.34
N LYS B 224 -36.62 3.46 21.61
CA LYS B 224 -35.32 2.87 21.31
C LYS B 224 -35.10 2.99 19.81
N VAL B 225 -34.06 3.70 19.43
CA VAL B 225 -33.76 3.92 18.03
C VAL B 225 -32.70 2.99 17.45
N ILE B 226 -33.04 2.34 16.33
CA ILE B 226 -32.13 1.43 15.64
C ILE B 226 -31.19 2.32 14.81
N TYR B 227 -29.97 1.84 14.58
CA TYR B 227 -29.00 2.63 13.82
C TYR B 227 -28.73 2.20 12.39
N GLY B 228 -29.67 1.46 11.80
CA GLY B 228 -29.48 1.01 10.43
C GLY B 228 -29.27 2.17 9.46
N ASP B 229 -30.19 3.12 9.46
CA ASP B 229 -30.10 4.29 8.58
C ASP B 229 -30.85 5.46 9.22
N VAL B 230 -30.56 5.69 10.50
CA VAL B 230 -31.19 6.75 11.26
C VAL B 230 -30.69 8.16 10.91
N SER B 231 -31.58 9.14 11.01
CA SER B 231 -31.24 10.53 10.75
C SER B 231 -31.49 11.29 12.05
N LEU B 232 -30.40 11.76 12.67
CA LEU B 232 -30.49 12.47 13.94
C LEU B 232 -29.91 13.89 13.92
N ARG B 233 -30.56 14.79 14.67
CA ARG B 233 -30.14 16.17 14.75
C ARG B 233 -30.07 16.64 16.19
N PHE B 234 -29.03 17.40 16.53
CA PHE B 234 -28.88 17.95 17.88
C PHE B 234 -29.71 19.23 17.96
N LEU B 235 -30.46 19.40 19.04
CA LEU B 235 -31.30 20.58 19.21
C LEU B 235 -30.68 21.59 20.16
O5' ADN C . 21.32 -18.29 -6.27
C5' ADN C . 22.15 -17.97 -5.15
C4' ADN C . 22.73 -16.56 -5.32
O4' ADN C . 21.70 -15.54 -5.06
C3' ADN C . 23.88 -16.32 -4.34
O3' ADN C . 25.06 -15.85 -5.02
C2' ADN C . 23.32 -15.32 -3.34
O2' ADN C . 24.32 -14.46 -2.75
C1' ADN C . 22.29 -14.55 -4.18
N9 ADN C . 21.31 -13.93 -3.28
C8 ADN C . 20.20 -14.51 -2.73
N7 ADN C . 19.51 -13.49 -1.95
C5 ADN C . 20.19 -12.34 -2.04
C6 ADN C . 20.04 -11.02 -1.55
N6 ADN C . 18.95 -10.68 -0.76
N1 ADN C . 20.97 -10.06 -1.89
C2 ADN C . 22.04 -10.33 -2.68
N3 ADN C . 22.22 -11.57 -3.17
C4 ADN C . 21.35 -12.59 -2.88
C11 BTN D . 18.38 -12.13 -9.59
O11 BTN D . 19.32 -11.48 -9.09
O12 BTN D . 18.58 -13.27 -10.13
C10 BTN D . 16.99 -11.61 -9.60
C9 BTN D . 16.39 -11.42 -8.23
C8 BTN D . 15.02 -10.82 -8.26
C7 BTN D . 14.45 -10.64 -6.86
C2 BTN D . 13.06 -10.03 -6.78
S1 BTN D . 12.46 -9.83 -5.12
C6 BTN D . 10.92 -9.18 -5.82
C5 BTN D . 10.60 -10.27 -6.88
N1 BTN D . 9.93 -11.46 -6.31
C3 BTN D . 10.69 -12.56 -6.53
O3 BTN D . 10.39 -13.72 -6.16
N2 BTN D . 11.84 -12.23 -7.21
C4 BTN D . 11.90 -10.81 -7.50
O5' ADN E . -22.99 18.30 8.97
C5' ADN E . -21.87 17.51 8.61
C4' ADN E . -22.29 16.47 7.56
O4' ADN E . -21.56 16.68 6.31
C3' ADN E . -21.97 15.04 8.04
O3' ADN E . -23.12 14.40 8.60
C2' ADN E . -21.39 14.32 6.81
O2' ADN E . -22.12 13.14 6.45
C1' ADN E . -21.38 15.38 5.69
N9 ADN E . -20.08 15.30 5.00
C8 ADN E . -19.85 15.02 3.68
N7 ADN E . -18.40 15.01 3.48
C5 ADN E . -17.81 15.26 4.65
C6 ADN E . -16.46 15.39 5.10
N6 ADN E . -15.41 15.21 4.23
N1 ADN E . -16.22 15.70 6.42
C2 ADN E . -17.23 15.88 7.31
N3 ADN E . -18.51 15.75 6.94
C4 ADN E . -18.85 15.45 5.64
C11 BTN F . -21.17 8.90 7.18
O11 BTN F . -20.67 9.81 7.88
O12 BTN F . -22.42 8.88 6.91
C10 BTN F . -20.33 7.80 6.62
C9 BTN F . -19.19 8.25 5.76
C8 BTN F . -18.25 7.14 5.39
C7 BTN F . -17.10 7.61 4.51
C2 BTN F . -16.10 6.53 4.10
S1 BTN F . -14.76 7.15 3.10
C6 BTN F . -14.15 5.45 3.01
C5 BTN F . -15.44 4.69 2.61
N1 BTN F . -15.71 4.75 1.15
C3 BTN F . -16.91 5.35 0.94
O3 BTN F . -17.42 5.56 -0.19
N2 BTN F . -17.50 5.70 2.13
C4 BTN F . -16.67 5.34 3.27
#